data_9MUT
#
_entry.id   9MUT
#
_cell.length_a   49.950
_cell.length_b   140.840
_cell.length_c   129.530
_cell.angle_alpha   90.00
_cell.angle_beta   90.00
_cell.angle_gamma   90.00
#
_symmetry.space_group_name_H-M   'C 2 2 21'
#
loop_
_entity.id
_entity.type
_entity.pdbx_description
1 polymer 'Fluorescent thiol-disulfide redox biosensor'
2 non-polymer 1,2-ETHANEDIOL
3 non-polymer 'ACETATE ION'
4 non-polymer 'FORMIC ACID'
5 non-polymer GLYCEROL
6 non-polymer 'TRIETHYLENE GLYCOL'
7 water water
#
_entity_poly.entity_id   1
_entity_poly.type   'polypeptide(L)'
_entity_poly.pdbx_seq_one_letter_code
;MKHHHHHHHGGASMVSKGEELFTGVVPILVELDGDVNGHKFSVSGEGEGDATYGKLTLKFISTTGKLPVPWPTLVTTL
(SWG)VQCFARYPDHMKRHDFFKSAMPEGYVQERTIFFKDDGNYKTRAEVKFEGDTLVNRIELKGIDFKEDGNILGHKLE
YNGWCGDNVYITADKQKNGIKANFKIRHNIEDGGVQLADHYQQNTPIGDGPVLLPDNHYLSTCSKLSKDPNEKRDHMVFL
EFVTAAGITLGMDELYK
;
_entity_poly.pdbx_strand_id   A,B
#
loop_
_chem_comp.id
_chem_comp.type
_chem_comp.name
_chem_comp.formula
ACT non-polymer 'ACETATE ION' 'C2 H3 O2 -1'
EDO non-polymer 1,2-ETHANEDIOL 'C2 H6 O2'
FMT non-polymer 'FORMIC ACID' 'C H2 O2'
GOL non-polymer GLYCEROL 'C3 H8 O3'
PGE non-polymer 'TRIETHYLENE GLYCOL' 'C6 H14 O4'
#
# COMPACT_ATOMS: atom_id res chain seq x y z
N LYS A 17 -21.91 14.05 9.69
CA LYS A 17 -20.54 13.63 9.47
C LYS A 17 -19.92 14.43 8.33
N GLY A 18 -18.60 14.31 8.18
CA GLY A 18 -17.92 15.02 7.09
C GLY A 18 -18.36 14.56 5.71
N GLU A 19 -18.71 13.27 5.59
CA GLU A 19 -19.13 12.76 4.30
C GLU A 19 -20.47 13.35 3.87
N GLU A 20 -21.33 13.68 4.82
CA GLU A 20 -22.61 14.28 4.48
C GLU A 20 -22.43 15.57 3.69
N LEU A 21 -21.28 16.21 3.81
CA LEU A 21 -20.97 17.42 3.07
C LEU A 21 -20.70 17.17 1.60
N PHE A 22 -20.55 15.90 1.19
CA PHE A 22 -20.21 15.55 -0.19
C PHE A 22 -21.32 14.76 -0.87
N THR A 23 -22.54 14.82 -0.35
CA THR A 23 -23.62 14.01 -0.90
C THR A 23 -23.97 14.40 -2.33
N GLY A 24 -23.87 15.69 -2.67
CA GLY A 24 -24.19 16.14 -4.00
C GLY A 24 -23.02 16.73 -4.74
N VAL A 25 -23.28 17.61 -5.70
CA VAL A 25 -22.23 18.32 -6.42
C VAL A 25 -21.76 19.49 -5.56
N VAL A 26 -20.46 19.60 -5.36
CA VAL A 26 -19.87 20.61 -4.49
C VAL A 26 -18.98 21.50 -5.35
N PRO A 27 -19.10 22.82 -5.26
CA PRO A 27 -18.20 23.69 -6.01
C PRO A 27 -16.81 23.73 -5.42
N ILE A 28 -15.81 23.86 -6.30
CA ILE A 28 -14.41 23.78 -5.93
C ILE A 28 -13.69 25.03 -6.43
N LEU A 29 -12.83 25.58 -5.57
CA LEU A 29 -11.91 26.65 -5.95
C LEU A 29 -10.49 26.23 -5.59
N VAL A 30 -9.55 26.44 -6.51
CA VAL A 30 -8.16 26.09 -6.32
C VAL A 30 -7.31 27.33 -6.52
N GLU A 31 -6.30 27.50 -5.67
CA GLU A 31 -5.34 28.58 -5.79
C GLU A 31 -3.95 28.01 -5.55
N LEU A 32 -3.02 28.32 -6.45
CA LEU A 32 -1.66 27.82 -6.36
C LEU A 32 -0.66 28.95 -6.56
N ASP A 33 0.16 29.18 -5.54
CA ASP A 33 1.27 30.12 -5.63
CA ASP A 33 1.27 30.12 -5.63
C ASP A 33 2.54 29.29 -5.80
N GLY A 34 3.11 29.34 -6.99
CA GLY A 34 4.27 28.51 -7.32
C GLY A 34 5.57 29.25 -7.45
N ASP A 35 6.68 28.51 -7.34
CA ASP A 35 8.02 29.09 -7.49
C ASP A 35 8.95 27.95 -7.88
N VAL A 36 9.40 27.96 -9.13
CA VAL A 36 10.25 26.91 -9.69
C VAL A 36 11.55 27.55 -10.16
N ASN A 37 12.65 27.22 -9.48
CA ASN A 37 13.97 27.80 -9.76
C ASN A 37 13.92 29.33 -9.71
N GLY A 38 13.14 29.86 -8.77
CA GLY A 38 13.04 31.29 -8.57
C GLY A 38 12.10 32.01 -9.51
N HIS A 39 11.45 31.29 -10.41
CA HIS A 39 10.52 31.87 -11.37
C HIS A 39 9.09 31.63 -10.86
N LYS A 40 8.42 32.71 -10.47
CA LYS A 40 7.14 32.63 -9.80
C LYS A 40 6.00 32.62 -10.80
N PHE A 41 4.98 31.83 -10.51
CA PHE A 41 3.76 31.74 -11.31
C PHE A 41 2.60 31.52 -10.36
N SER A 42 1.40 31.76 -10.88
CA SER A 42 0.18 31.64 -10.10
C SER A 42 -0.91 31.02 -10.97
N VAL A 43 -1.63 30.06 -10.40
CA VAL A 43 -2.69 29.35 -11.10
C VAL A 43 -3.98 29.49 -10.29
N SER A 44 -5.09 29.75 -10.99
CA SER A 44 -6.42 29.78 -10.39
C SER A 44 -7.25 28.69 -11.06
N GLY A 45 -7.89 27.86 -10.24
CA GLY A 45 -8.74 26.80 -10.74
C GLY A 45 -10.12 26.86 -10.12
N GLU A 46 -11.08 26.27 -10.82
CA GLU A 46 -12.44 26.19 -10.34
C GLU A 46 -13.16 25.05 -11.05
N GLY A 47 -14.28 24.65 -10.47
CA GLY A 47 -15.08 23.57 -11.03
C GLY A 47 -15.97 22.98 -9.97
N GLU A 48 -16.21 21.67 -10.08
CA GLU A 48 -17.11 20.98 -9.17
C GLU A 48 -16.66 19.54 -9.01
N GLY A 49 -17.05 18.97 -7.89
CA GLY A 49 -16.74 17.57 -7.60
C GLY A 49 -17.98 16.84 -7.16
N ASP A 50 -18.06 15.57 -7.54
CA ASP A 50 -19.21 14.69 -7.26
C ASP A 50 -18.63 13.40 -6.69
N ALA A 51 -18.54 13.34 -5.36
CA ALA A 51 -17.93 12.18 -4.72
C ALA A 51 -18.69 10.90 -5.00
N THR A 52 -20.01 11.00 -5.19
CA THR A 52 -20.80 9.83 -5.51
C THR A 52 -20.24 9.09 -6.71
N TYR A 53 -19.66 9.83 -7.66
CA TYR A 53 -19.03 9.25 -8.85
C TYR A 53 -17.52 9.42 -8.87
N GLY A 54 -16.92 9.92 -7.79
CA GLY A 54 -15.50 10.20 -7.78
C GLY A 54 -15.08 11.12 -8.90
N LYS A 55 -15.97 12.02 -9.32
CA LYS A 55 -15.81 12.79 -10.56
C LYS A 55 -15.44 14.23 -10.24
N LEU A 56 -14.37 14.69 -10.87
CA LEU A 56 -13.93 16.07 -10.78
C LEU A 56 -13.93 16.69 -12.19
N THR A 57 -14.55 17.86 -12.31
CA THR A 57 -14.51 18.65 -13.54
C THR A 57 -13.99 20.04 -13.15
N LEU A 58 -12.73 20.31 -13.50
CA LEU A 58 -12.06 21.54 -13.11
C LEU A 58 -11.41 22.19 -14.33
N LYS A 59 -11.24 23.51 -14.24
CA LYS A 59 -10.47 24.27 -15.23
C LYS A 59 -9.47 25.14 -14.49
N PHE A 60 -8.25 25.17 -14.99
CA PHE A 60 -7.17 25.93 -14.39
C PHE A 60 -6.58 26.87 -15.42
N ILE A 61 -6.22 28.08 -14.98
CA ILE A 61 -5.56 29.07 -15.82
C ILE A 61 -4.34 29.58 -15.08
N SER A 62 -3.29 29.89 -15.85
CA SER A 62 -2.20 30.69 -15.33
C SER A 62 -2.55 32.18 -15.46
N THR A 63 -2.42 32.92 -14.35
CA THR A 63 -2.65 34.36 -14.34
C THR A 63 -1.37 35.15 -14.46
N THR A 64 -0.24 34.48 -14.71
CA THR A 64 1.08 35.11 -14.75
C THR A 64 1.81 34.83 -16.05
N GLY A 65 1.09 34.47 -17.10
CA GLY A 65 1.70 34.14 -18.37
C GLY A 65 1.98 32.66 -18.50
N LYS A 66 2.71 32.33 -19.57
CA LYS A 66 3.09 30.95 -19.82
C LYS A 66 3.76 30.33 -18.60
N LEU A 67 3.32 29.13 -18.24
CA LEU A 67 3.91 28.46 -17.08
C LEU A 67 5.35 28.07 -17.39
N PRO A 68 6.23 28.08 -16.39
CA PRO A 68 7.60 27.60 -16.61
C PRO A 68 7.72 26.09 -16.55
N VAL A 69 6.67 25.37 -16.15
CA VAL A 69 6.68 23.92 -16.11
C VAL A 69 5.47 23.40 -16.88
N PRO A 70 5.47 22.13 -17.27
CA PRO A 70 4.32 21.58 -18.00
C PRO A 70 3.12 21.36 -17.09
N TRP A 71 1.94 21.57 -17.66
CA TRP A 71 0.70 21.34 -16.91
C TRP A 71 0.61 19.94 -16.30
N PRO A 72 0.95 18.86 -17.01
CA PRO A 72 0.87 17.52 -16.39
C PRO A 72 1.63 17.39 -15.09
N THR A 73 2.74 18.11 -14.92
CA THR A 73 3.51 18.01 -13.68
C THR A 73 2.80 18.66 -12.50
N LEU A 74 1.77 19.47 -12.73
CA LEU A 74 1.04 20.13 -11.66
C LEU A 74 -0.28 19.46 -11.31
N VAL A 75 -0.67 18.42 -12.04
CA VAL A 75 -2.00 17.85 -11.89
C VAL A 75 -2.23 17.36 -10.46
N THR A 76 -1.32 16.53 -9.95
CA THR A 76 -1.52 15.95 -8.62
C THR A 76 -1.53 17.01 -7.55
N THR A 77 -0.81 18.11 -7.75
CA THR A 77 -0.78 19.17 -6.76
C THR A 77 -2.08 19.96 -6.77
N LEU A 78 -2.59 20.27 -7.96
CA LEU A 78 -3.85 21.00 -8.09
C LEU A 78 -5.05 20.12 -7.72
CD2 SWG A 79 -4.23 12.64 -9.30
CE3 SWG A 79 -5.07 13.53 -9.94
CZ3 SWG A 79 -5.22 13.30 -11.30
CH2 SWG A 79 -4.56 12.24 -11.95
CZ2 SWG A 79 -3.70 11.38 -11.27
CE2 SWG A 79 -3.58 11.63 -9.93
NE1 SWG A 79 -2.83 10.94 -9.09
CD1 SWG A 79 -2.97 11.48 -7.86
CG SWG A 79 -3.83 12.58 -7.99
CB2 SWG A 79 -4.25 13.44 -6.78
CA2 SWG A 79 -4.64 14.70 -6.74
N2 SWG A 79 -5.21 15.40 -7.74
C2 SWG A 79 -4.52 15.49 -5.61
O2 SWG A 79 -4.08 15.20 -4.54
N3 SWG A 79 -5.01 16.66 -5.94
CA3 SWG A 79 -5.09 17.83 -5.07
C3 SWG A 79 -6.16 17.62 -4.03
O3 SWG A 79 -6.32 18.45 -3.18
C1 SWG A 79 -5.41 16.60 -7.19
CA1 SWG A 79 -6.03 17.80 -7.91
N1 SWG A 79 -5.02 18.78 -8.23
CB1 SWG A 79 -6.72 17.33 -9.20
OG1 SWG A 79 -7.86 16.98 -9.17
N VAL A 80 -7.50 17.35 -4.41
CA VAL A 80 -8.76 17.36 -3.67
C VAL A 80 -9.28 15.92 -3.58
N GLN A 81 -8.48 15.06 -2.95
CA GLN A 81 -8.80 13.64 -2.81
C GLN A 81 -9.98 13.38 -1.92
N CYS A 82 -10.55 14.40 -1.28
CA CYS A 82 -11.82 14.23 -0.55
C CYS A 82 -12.99 13.93 -1.49
N PHE A 83 -12.80 14.08 -2.81
CA PHE A 83 -13.84 13.75 -3.76
C PHE A 83 -13.73 12.35 -4.31
N ALA A 84 -12.77 11.56 -3.83
CA ALA A 84 -12.70 10.16 -4.21
C ALA A 84 -13.98 9.45 -3.78
N ARG A 85 -14.44 8.52 -4.62
CA ARG A 85 -15.58 7.68 -4.26
C ARG A 85 -15.09 6.53 -3.39
N TYR A 86 -15.50 6.50 -2.12
CA TYR A 86 -15.23 5.35 -1.28
C TYR A 86 -16.46 4.46 -1.30
N PRO A 87 -16.43 3.28 -1.91
CA PRO A 87 -17.61 2.40 -1.88
C PRO A 87 -18.13 2.17 -0.47
N ASP A 88 -19.40 1.81 -0.36
CA ASP A 88 -20.03 1.65 0.96
C ASP A 88 -19.19 0.79 1.89
N HIS A 89 -18.64 -0.32 1.39
CA HIS A 89 -17.89 -1.22 2.26
C HIS A 89 -16.55 -0.65 2.69
N MET A 90 -16.15 0.52 2.18
CA MET A 90 -14.88 1.12 2.52
C MET A 90 -14.99 2.49 3.18
N LYS A 91 -16.20 2.99 3.44
CA LYS A 91 -16.35 4.35 3.93
C LYS A 91 -15.67 4.55 5.27
N ARG A 92 -15.44 3.48 6.04
CA ARG A 92 -14.71 3.58 7.29
C ARG A 92 -13.26 4.00 7.10
N HIS A 93 -12.77 3.97 5.86
CA HIS A 93 -11.37 4.25 5.58
C HIS A 93 -11.17 5.58 4.87
N ASP A 94 -12.19 6.43 4.85
CA ASP A 94 -12.14 7.71 4.14
C ASP A 94 -11.69 8.80 5.09
N PHE A 95 -10.36 8.98 5.20
CA PHE A 95 -9.83 9.99 6.10
C PHE A 95 -10.19 11.39 5.61
N PHE A 96 -10.16 11.61 4.30
CA PHE A 96 -10.27 12.96 3.77
C PHE A 96 -11.60 13.59 4.17
N LYS A 97 -12.70 12.89 3.93
CA LYS A 97 -14.00 13.45 4.26
C LYS A 97 -14.19 13.55 5.77
N SER A 98 -13.60 12.64 6.54
CA SER A 98 -13.79 12.68 7.99
C SER A 98 -13.22 13.95 8.59
N ALA A 99 -12.18 14.51 7.97
CA ALA A 99 -11.56 15.74 8.46
C ALA A 99 -12.34 17.00 8.09
N MET A 100 -13.41 16.88 7.35
CA MET A 100 -14.19 18.04 6.93
C MET A 100 -15.25 18.38 7.95
N PRO A 101 -15.68 19.65 8.02
CA PRO A 101 -15.29 20.77 7.15
C PRO A 101 -13.99 21.48 7.53
N GLU A 102 -13.46 21.26 8.75
CA GLU A 102 -12.26 21.98 9.16
C GLU A 102 -11.12 21.78 8.15
N GLY A 103 -11.03 20.59 7.56
CA GLY A 103 -10.10 20.32 6.49
C GLY A 103 -8.85 19.61 6.95
N TYR A 104 -7.89 19.53 6.03
CA TYR A 104 -6.61 18.89 6.30
C TYR A 104 -5.52 19.60 5.51
N VAL A 105 -4.29 19.52 6.04
CA VAL A 105 -3.11 19.97 5.32
C VAL A 105 -2.58 18.80 4.50
N GLN A 106 -2.28 19.06 3.22
CA GLN A 106 -1.69 18.07 2.34
C GLN A 106 -0.31 18.55 1.91
N GLU A 107 0.71 17.82 2.32
CA GLU A 107 2.09 18.12 1.98
C GLU A 107 2.65 17.01 1.11
N ARG A 108 3.40 17.39 0.07
CA ARG A 108 4.03 16.43 -0.82
C ARG A 108 5.46 16.86 -1.12
N THR A 109 6.29 15.87 -1.39
CA THR A 109 7.59 16.06 -2.03
C THR A 109 7.59 15.20 -3.29
N ILE A 110 7.75 15.82 -4.44
CA ILE A 110 7.69 15.14 -5.73
C ILE A 110 9.09 15.17 -6.34
N PHE A 111 9.74 14.01 -6.38
CA PHE A 111 11.07 13.89 -6.95
C PHE A 111 10.94 13.52 -8.42
N PHE A 112 11.34 14.42 -9.30
CA PHE A 112 11.41 14.14 -10.73
C PHE A 112 12.78 13.53 -11.02
N LYS A 113 12.78 12.26 -11.40
CA LYS A 113 14.04 11.53 -11.57
C LYS A 113 15.00 12.28 -12.48
N ASP A 114 16.25 12.38 -12.03
CA ASP A 114 17.32 13.05 -12.78
C ASP A 114 16.98 14.51 -13.06
N ASP A 115 16.15 15.10 -12.21
CA ASP A 115 15.75 16.49 -12.38
C ASP A 115 15.43 17.06 -11.00
N GLY A 116 14.67 18.14 -10.96
CA GLY A 116 14.36 18.80 -9.72
C GLY A 116 13.25 18.11 -8.94
N ASN A 117 12.79 18.78 -7.90
CA ASN A 117 11.71 18.27 -7.06
C ASN A 117 10.78 19.41 -6.67
N TYR A 118 9.49 19.08 -6.56
CA TYR A 118 8.50 19.98 -6.00
C TYR A 118 8.30 19.68 -4.52
N LYS A 119 8.19 20.73 -3.71
CA LYS A 119 7.71 20.63 -2.34
C LYS A 119 6.45 21.49 -2.26
N THR A 120 5.34 20.88 -1.83
CA THR A 120 4.04 21.52 -1.81
C THR A 120 3.41 21.41 -0.44
N ARG A 121 2.70 22.47 -0.05
CA ARG A 121 1.90 22.47 1.17
C ARG A 121 0.55 23.08 0.82
N ALA A 122 -0.54 22.40 1.19
CA ALA A 122 -1.87 22.83 0.82
C ALA A 122 -2.83 22.67 1.99
N GLU A 123 -3.82 23.55 2.04
CA GLU A 123 -4.95 23.42 2.95
C GLU A 123 -6.20 23.13 2.12
N VAL A 124 -6.84 22.01 2.41
CA VAL A 124 -8.07 21.59 1.74
C VAL A 124 -9.17 21.69 2.78
N LYS A 125 -10.07 22.65 2.59
CA LYS A 125 -11.08 22.93 3.59
C LYS A 125 -12.28 23.59 2.91
N PHE A 126 -13.39 23.61 3.64
CA PHE A 126 -14.60 24.29 3.19
C PHE A 126 -14.56 25.76 3.62
N GLU A 127 -14.77 26.65 2.66
CA GLU A 127 -15.04 28.07 2.91
C GLU A 127 -16.47 28.30 2.46
N GLY A 128 -17.39 28.41 3.41
CA GLY A 128 -18.80 28.43 3.07
C GLY A 128 -19.22 27.07 2.58
N ASP A 129 -19.86 27.04 1.41
CA ASP A 129 -20.28 25.79 0.78
C ASP A 129 -19.30 25.32 -0.29
N THR A 130 -18.12 25.93 -0.36
CA THR A 130 -17.15 25.65 -1.41
C THR A 130 -15.93 24.94 -0.83
N LEU A 131 -15.55 23.84 -1.45
CA LEU A 131 -14.31 23.15 -1.10
C LEU A 131 -13.15 23.89 -1.75
N VAL A 132 -12.19 24.32 -0.94
CA VAL A 132 -11.10 25.17 -1.39
C VAL A 132 -9.79 24.44 -1.19
N ASN A 133 -8.88 24.60 -2.15
CA ASN A 133 -7.55 24.00 -2.11
C ASN A 133 -6.54 25.11 -2.36
N ARG A 134 -5.93 25.62 -1.29
CA ARG A 134 -4.93 26.69 -1.37
C ARG A 134 -3.55 26.08 -1.24
N ILE A 135 -2.71 26.28 -2.25
CA ILE A 135 -1.46 25.55 -2.39
C ILE A 135 -0.30 26.53 -2.46
N GLU A 136 0.80 26.16 -1.80
CA GLU A 136 2.10 26.80 -1.98
C GLU A 136 3.06 25.73 -2.49
N LEU A 137 3.72 26.01 -3.60
CA LEU A 137 4.60 25.06 -4.27
C LEU A 137 5.97 25.69 -4.42
N LYS A 138 7.01 24.93 -4.08
CA LYS A 138 8.39 25.36 -4.24
C LYS A 138 9.13 24.29 -5.03
N GLY A 139 9.65 24.68 -6.20
CA GLY A 139 10.46 23.80 -7.01
C GLY A 139 11.88 24.31 -7.13
N ILE A 140 12.84 23.40 -6.99
CA ILE A 140 14.25 23.73 -7.07
C ILE A 140 15.00 22.65 -7.83
N ASP A 141 16.20 22.99 -8.28
CA ASP A 141 17.13 22.05 -8.88
C ASP A 141 16.60 21.48 -10.19
N PHE A 142 15.82 22.26 -10.93
CA PHE A 142 15.33 21.82 -12.23
C PHE A 142 16.33 22.19 -13.32
N LYS A 143 16.44 21.33 -14.32
CA LYS A 143 17.41 21.49 -15.39
C LYS A 143 16.82 22.23 -16.58
N GLU A 144 17.40 23.39 -16.91
CA GLU A 144 16.93 24.16 -18.05
C GLU A 144 16.90 23.31 -19.32
N ASP A 145 17.82 22.34 -19.45
CA ASP A 145 17.88 21.48 -20.61
C ASP A 145 17.24 20.13 -20.33
N GLY A 146 16.36 20.05 -19.33
CA GLY A 146 15.66 18.84 -19.00
C GLY A 146 14.29 18.79 -19.63
N ASN A 147 13.54 17.74 -19.24
CA ASN A 147 12.21 17.50 -19.78
C ASN A 147 11.14 18.42 -19.21
N ILE A 148 11.36 18.99 -18.02
CA ILE A 148 10.33 19.78 -17.34
C ILE A 148 10.39 21.23 -17.78
N LEU A 149 11.50 21.91 -17.48
CA LEU A 149 11.63 23.31 -17.90
C LEU A 149 11.62 23.43 -19.42
N GLY A 150 12.02 22.38 -20.13
CA GLY A 150 12.03 22.39 -21.58
C GLY A 150 10.72 22.04 -22.22
N HIS A 151 9.70 21.72 -21.42
CA HIS A 151 8.35 21.42 -21.92
C HIS A 151 8.37 20.30 -22.95
N LYS A 152 9.00 19.18 -22.58
CA LYS A 152 9.04 17.99 -23.42
C LYS A 152 8.08 16.88 -22.98
N LEU A 153 7.15 17.19 -22.09
CA LEU A 153 6.23 16.18 -21.58
C LEU A 153 4.92 16.26 -22.35
N GLU A 154 4.43 15.11 -22.82
CA GLU A 154 3.19 15.06 -23.56
C GLU A 154 2.03 15.52 -22.68
N TYR A 155 1.06 16.18 -23.31
CA TYR A 155 -0.02 16.81 -22.56
C TYR A 155 -0.97 15.77 -22.00
N ASN A 156 -1.26 14.72 -22.77
CA ASN A 156 -2.05 13.59 -22.28
C ASN A 156 -1.29 12.29 -22.25
N GLY A 157 -0.02 12.29 -22.68
CA GLY A 157 0.79 11.09 -22.61
C GLY A 157 1.38 10.90 -21.22
N TRP A 158 0.56 10.44 -20.28
N TRP A 158 0.56 10.44 -20.28
CA TRP A 158 1.04 10.20 -18.93
CA TRP A 158 1.01 10.22 -18.92
C TRP A 158 -0.01 9.41 -18.16
C TRP A 158 -0.01 9.37 -18.20
N CYS A 159 0.47 8.46 -17.35
CA CYS A 159 -0.38 7.60 -16.55
C CYS A 159 0.02 7.69 -15.09
N GLY A 160 -0.97 7.66 -14.21
CA GLY A 160 -0.76 7.75 -12.77
C GLY A 160 -1.02 6.41 -12.10
N ASP A 161 -0.02 5.95 -11.35
CA ASP A 161 -0.16 4.71 -10.60
C ASP A 161 -1.17 4.89 -9.48
N ASN A 162 -1.70 3.78 -8.99
CA ASN A 162 -2.63 3.83 -7.87
C ASN A 162 -2.00 4.56 -6.70
N VAL A 163 -2.81 5.37 -6.02
CA VAL A 163 -2.35 6.15 -4.88
C VAL A 163 -2.48 5.26 -3.65
N TYR A 164 -1.35 4.72 -3.19
CA TYR A 164 -1.37 3.79 -2.07
C TYR A 164 -1.35 4.58 -0.76
N ILE A 165 -2.40 4.41 0.02
CA ILE A 165 -2.62 5.18 1.24
C ILE A 165 -2.37 4.27 2.43
N THR A 166 -1.77 4.84 3.47
CA THR A 166 -1.50 4.12 4.71
C THR A 166 -1.71 5.07 5.88
N ALA A 167 -2.11 4.53 7.01
CA ALA A 167 -2.39 5.36 8.17
C ALA A 167 -1.08 5.85 8.79
N ASP A 168 -1.14 7.06 9.36
CA ASP A 168 -0.03 7.67 10.08
C ASP A 168 -0.57 8.07 11.45
N LYS A 169 -0.72 7.07 12.34
CA LYS A 169 -1.35 7.31 13.64
C LYS A 169 -0.57 8.33 14.46
N GLN A 170 0.75 8.42 14.25
CA GLN A 170 1.56 9.35 15.04
C GLN A 170 1.02 10.77 14.93
N LYS A 171 0.69 11.20 13.72
CA LYS A 171 0.16 12.53 13.45
C LYS A 171 -1.35 12.54 13.21
N ASN A 172 -2.04 11.45 13.55
CA ASN A 172 -3.49 11.39 13.38
C ASN A 172 -3.89 11.70 11.94
N GLY A 173 -3.09 11.18 11.00
CA GLY A 173 -3.32 11.44 9.61
C GLY A 173 -2.97 10.24 8.75
N ILE A 174 -2.52 10.47 7.52
CA ILE A 174 -2.20 9.41 6.58
C ILE A 174 -0.94 9.79 5.81
N LYS A 175 -0.41 8.80 5.10
CA LYS A 175 0.69 8.98 4.16
C LYS A 175 0.32 8.28 2.87
N ALA A 176 0.84 8.80 1.75
CA ALA A 176 0.59 8.20 0.44
C ALA A 176 1.88 8.18 -0.36
N ASN A 177 2.00 7.17 -1.23
CA ASN A 177 3.14 7.01 -2.10
C ASN A 177 2.65 6.51 -3.45
N PHE A 178 3.19 7.08 -4.53
CA PHE A 178 2.82 6.68 -5.88
C PHE A 178 3.71 7.42 -6.85
N LYS A 179 3.88 6.82 -8.03
CA LYS A 179 4.67 7.41 -9.10
C LYS A 179 3.76 7.86 -10.24
N ILE A 180 4.08 9.01 -10.81
CA ILE A 180 3.47 9.48 -12.05
C ILE A 180 4.49 9.29 -13.17
N ARG A 181 4.03 8.79 -14.30
CA ARG A 181 4.89 8.46 -15.43
C ARG A 181 4.49 9.32 -16.62
N HIS A 182 5.34 10.32 -16.94
CA HIS A 182 5.08 11.25 -18.03
C HIS A 182 5.81 10.79 -19.28
N ASN A 183 5.07 10.64 -20.38
CA ASN A 183 5.72 10.38 -21.66
C ASN A 183 6.47 11.63 -22.12
N ILE A 184 7.71 11.45 -22.52
CA ILE A 184 8.52 12.53 -23.06
C ILE A 184 8.23 12.62 -24.55
N GLU A 185 8.08 13.84 -25.06
CA GLU A 185 7.92 14.02 -26.50
C GLU A 185 9.13 13.42 -27.22
N ASP A 186 8.87 12.65 -28.28
CA ASP A 186 9.89 12.00 -29.09
C ASP A 186 10.46 10.74 -28.45
N GLY A 187 9.95 10.33 -27.29
CA GLY A 187 10.37 9.11 -26.65
C GLY A 187 10.93 9.23 -25.24
N GLY A 188 10.64 8.23 -24.44
CA GLY A 188 11.08 8.16 -23.06
C GLY A 188 9.94 8.42 -22.08
N VAL A 189 10.24 8.17 -20.81
CA VAL A 189 9.29 8.40 -19.72
CA VAL A 189 9.29 8.40 -19.72
C VAL A 189 10.02 9.14 -18.60
N GLN A 190 9.39 10.19 -18.09
CA GLN A 190 9.91 10.98 -16.98
C GLN A 190 9.14 10.60 -15.72
N LEU A 191 9.84 10.03 -14.75
CA LEU A 191 9.21 9.56 -13.51
C LEU A 191 9.10 10.69 -12.49
N ALA A 192 7.99 10.68 -11.74
CA ALA A 192 7.75 11.65 -10.68
C ALA A 192 7.31 10.90 -9.43
N ASP A 193 8.24 10.72 -8.49
CA ASP A 193 7.99 9.97 -7.27
C ASP A 193 7.30 10.89 -6.26
N HIS A 194 6.05 10.58 -5.93
CA HIS A 194 5.27 11.37 -4.99
C HIS A 194 5.37 10.78 -3.59
N TYR A 195 5.71 11.61 -2.62
CA TYR A 195 5.66 11.27 -1.20
C TYR A 195 4.74 12.27 -0.53
N GLN A 196 3.70 11.77 0.16
CA GLN A 196 2.58 12.59 0.59
C GLN A 196 2.26 12.33 2.05
N GLN A 197 1.81 13.39 2.72
CA GLN A 197 1.38 13.32 4.10
C GLN A 197 0.21 14.29 4.27
N ASN A 198 -0.84 13.83 4.96
CA ASN A 198 -2.03 14.61 5.20
C ASN A 198 -2.32 14.61 6.69
N THR A 199 -2.58 15.80 7.24
CA THR A 199 -2.85 15.97 8.65
C THR A 199 -4.12 16.80 8.82
N PRO A 200 -5.01 16.40 9.73
CA PRO A 200 -6.24 17.17 9.92
C PRO A 200 -5.93 18.55 10.49
N ILE A 201 -6.76 19.52 10.09
CA ILE A 201 -6.63 20.86 10.64
C ILE A 201 -7.29 20.96 12.01
N GLY A 202 -8.40 20.24 12.21
CA GLY A 202 -9.10 20.29 13.48
C GLY A 202 -8.62 19.20 14.43
N ASP A 203 -9.23 19.21 15.62
CA ASP A 203 -8.88 18.25 16.66
C ASP A 203 -9.86 17.09 16.75
N GLY A 204 -11.01 17.18 16.09
CA GLY A 204 -12.02 16.15 16.15
C GLY A 204 -11.49 14.83 15.67
N PRO A 205 -12.21 13.74 15.93
CA PRO A 205 -11.74 12.42 15.49
C PRO A 205 -11.87 12.27 13.99
N VAL A 206 -10.90 11.59 13.41
CA VAL A 206 -10.85 11.32 11.98
C VAL A 206 -10.83 9.81 11.79
N LEU A 207 -10.96 9.39 10.54
CA LEU A 207 -10.92 7.97 10.19
C LEU A 207 -9.49 7.61 9.82
N LEU A 208 -8.85 6.76 10.63
CA LEU A 208 -7.53 6.25 10.33
C LEU A 208 -7.69 4.94 9.56
N PRO A 209 -7.36 4.92 8.27
CA PRO A 209 -7.76 3.78 7.43
C PRO A 209 -6.78 2.61 7.50
N ASP A 210 -7.30 1.45 7.15
CA ASP A 210 -6.43 0.34 6.80
C ASP A 210 -5.80 0.62 5.43
N ASN A 211 -4.74 -0.11 5.12
CA ASN A 211 -4.06 0.07 3.84
C ASN A 211 -5.05 -0.08 2.69
N HIS A 212 -5.02 0.86 1.76
CA HIS A 212 -5.85 0.80 0.56
C HIS A 212 -5.20 1.72 -0.49
N TYR A 213 -5.88 1.89 -1.62
CA TYR A 213 -5.35 2.75 -2.67
C TYR A 213 -6.50 3.44 -3.39
N LEU A 214 -6.17 4.54 -4.05
CA LEU A 214 -7.11 5.25 -4.91
C LEU A 214 -6.74 4.99 -6.37
N SER A 215 -7.70 4.52 -7.15
CA SER A 215 -7.53 4.34 -8.59
C SER A 215 -7.95 5.62 -9.30
N THR A 216 -7.07 6.16 -10.14
CA THR A 216 -7.30 7.43 -10.79
C THR A 216 -7.28 7.29 -12.31
N CYS A 217 -8.09 8.12 -12.96
CA CYS A 217 -8.15 8.21 -14.41
CA CYS A 217 -8.15 8.21 -14.41
CA CYS A 217 -8.15 8.21 -14.41
C CYS A 217 -8.37 9.68 -14.76
N SER A 218 -7.52 10.23 -15.61
CA SER A 218 -7.60 11.65 -15.93
C SER A 218 -7.54 11.87 -17.43
N LYS A 219 -8.07 13.02 -17.84
CA LYS A 219 -8.05 13.48 -19.22
C LYS A 219 -7.81 14.97 -19.21
N LEU A 220 -6.76 15.43 -19.88
CA LEU A 220 -6.49 16.84 -20.04
C LEU A 220 -6.95 17.29 -21.43
N SER A 221 -7.45 18.52 -21.51
CA SER A 221 -7.94 19.06 -22.76
C SER A 221 -7.77 20.57 -22.75
N LYS A 222 -8.15 21.21 -23.85
CA LYS A 222 -8.01 22.65 -24.02
C LYS A 222 -9.35 23.28 -24.36
N ASP A 223 -9.61 24.44 -23.74
CA ASP A 223 -10.75 25.29 -24.07
C ASP A 223 -10.39 26.17 -25.26
N PRO A 224 -11.03 25.99 -26.41
CA PRO A 224 -10.63 26.78 -27.59
C PRO A 224 -10.88 28.27 -27.43
N ASN A 225 -11.74 28.67 -26.49
CA ASN A 225 -12.01 30.09 -26.25
C ASN A 225 -11.06 30.72 -25.24
N GLU A 226 -10.32 29.91 -24.50
CA GLU A 226 -9.45 30.41 -23.43
C GLU A 226 -8.17 30.98 -24.02
N LYS A 227 -7.89 32.24 -23.70
CA LYS A 227 -6.73 32.92 -24.23
C LYS A 227 -5.48 32.71 -23.38
N ARG A 228 -5.63 32.39 -22.11
CA ARG A 228 -4.50 32.20 -21.22
C ARG A 228 -4.03 30.76 -21.24
N ASP A 229 -2.74 30.57 -20.95
CA ASP A 229 -2.21 29.23 -20.69
C ASP A 229 -3.09 28.54 -19.66
N HIS A 230 -3.63 27.38 -20.01
CA HIS A 230 -4.69 26.78 -19.22
C HIS A 230 -4.71 25.27 -19.38
N MET A 231 -5.57 24.63 -18.60
CA MET A 231 -5.75 23.18 -18.66
C MET A 231 -7.18 22.87 -18.25
N VAL A 232 -7.92 22.21 -19.12
CA VAL A 232 -9.22 21.66 -18.76
C VAL A 232 -8.99 20.24 -18.24
N PHE A 233 -9.66 19.90 -17.14
CA PHE A 233 -9.29 18.74 -16.34
C PHE A 233 -10.51 17.90 -16.03
N LEU A 234 -10.43 16.62 -16.35
CA LEU A 234 -11.44 15.63 -16.01
C LEU A 234 -10.76 14.49 -15.27
N GLU A 235 -11.32 14.07 -14.15
CA GLU A 235 -10.73 13.01 -13.35
C GLU A 235 -11.82 12.14 -12.72
N PHE A 236 -11.56 10.84 -12.68
CA PHE A 236 -12.33 9.90 -11.89
C PHE A 236 -11.38 9.22 -10.91
N VAL A 237 -11.72 9.24 -9.63
CA VAL A 237 -10.89 8.67 -8.58
C VAL A 237 -11.77 7.84 -7.66
N THR A 238 -11.40 6.58 -7.46
CA THR A 238 -12.19 5.66 -6.68
C THR A 238 -11.29 4.86 -5.75
N ALA A 239 -11.75 4.65 -4.53
CA ALA A 239 -11.01 3.86 -3.57
C ALA A 239 -11.24 2.36 -3.77
N ALA A 240 -10.23 1.57 -3.45
CA ALA A 240 -10.27 0.12 -3.60
C ALA A 240 -9.15 -0.47 -2.75
N GLY A 241 -9.05 -1.79 -2.75
CA GLY A 241 -7.98 -2.48 -2.06
C GLY A 241 -8.33 -3.08 -0.72
N ILE A 242 -9.60 -3.15 -0.37
CA ILE A 242 -10.04 -3.77 0.88
C ILE A 242 -11.08 -4.82 0.60
N LYS B 17 15.17 -16.04 -13.82
CA LYS B 17 15.74 -17.33 -13.44
C LYS B 17 15.06 -17.89 -12.19
N GLY B 18 14.84 -17.03 -11.19
CA GLY B 18 14.21 -17.49 -9.97
C GLY B 18 12.78 -17.96 -10.17
N GLU B 19 12.05 -17.34 -11.11
CA GLU B 19 10.68 -17.76 -11.36
C GLU B 19 10.60 -19.13 -12.00
N GLU B 20 11.62 -19.52 -12.75
CA GLU B 20 11.64 -20.84 -13.36
C GLU B 20 11.60 -21.97 -12.32
N LEU B 21 12.04 -21.69 -11.09
CA LEU B 21 12.01 -22.72 -10.07
C LEU B 21 10.61 -23.01 -9.55
N PHE B 22 9.62 -22.20 -9.93
CA PHE B 22 8.25 -22.36 -9.43
C PHE B 22 7.26 -22.70 -10.54
N THR B 23 7.75 -23.20 -11.68
CA THR B 23 6.86 -23.49 -12.80
C THR B 23 5.87 -24.61 -12.46
N GLY B 24 6.30 -25.58 -11.67
CA GLY B 24 5.43 -26.68 -11.30
C GLY B 24 5.15 -26.76 -9.82
N VAL B 25 4.80 -27.95 -9.32
CA VAL B 25 4.57 -28.16 -7.91
C VAL B 25 5.90 -28.34 -7.19
N VAL B 26 6.10 -27.62 -6.09
CA VAL B 26 7.35 -27.61 -5.36
C VAL B 26 7.07 -28.16 -3.96
N PRO B 27 7.85 -29.10 -3.46
CA PRO B 27 7.66 -29.57 -2.08
C PRO B 27 8.16 -28.54 -1.07
N ILE B 28 7.47 -28.48 0.06
CA ILE B 28 7.75 -27.49 1.10
C ILE B 28 8.01 -28.19 2.42
N LEU B 29 9.04 -27.72 3.13
CA LEU B 29 9.30 -28.13 4.51
C LEU B 29 9.39 -26.87 5.36
N VAL B 30 8.74 -26.88 6.51
CA VAL B 30 8.73 -25.74 7.43
C VAL B 30 9.19 -26.21 8.81
N GLU B 31 10.00 -25.38 9.46
CA GLU B 31 10.48 -25.65 10.80
C GLU B 31 10.38 -24.36 11.60
N LEU B 32 9.82 -24.45 12.80
CA LEU B 32 9.63 -23.28 13.66
C LEU B 32 10.05 -23.62 15.08
N ASP B 33 10.92 -22.79 15.64
CA ASP B 33 11.31 -22.88 17.04
C ASP B 33 10.76 -21.65 17.74
N GLY B 34 9.84 -21.85 18.67
CA GLY B 34 9.16 -20.73 19.29
C GLY B 34 9.44 -20.55 20.76
N ASP B 35 9.20 -19.34 21.25
CA ASP B 35 9.36 -19.03 22.67
C ASP B 35 8.48 -17.82 22.96
N VAL B 36 7.36 -18.05 23.65
CA VAL B 36 6.40 -17.00 23.97
C VAL B 36 6.27 -16.94 25.48
N ASN B 37 6.73 -15.85 26.07
CA ASN B 37 6.71 -15.66 27.52
C ASN B 37 7.43 -16.82 28.24
N GLY B 38 8.51 -17.29 27.63
CA GLY B 38 9.29 -18.35 28.22
C GLY B 38 8.79 -19.75 27.99
N HIS B 39 7.71 -19.92 27.25
CA HIS B 39 7.17 -21.24 26.94
C HIS B 39 7.67 -21.66 25.56
N LYS B 40 8.56 -22.65 25.52
CA LYS B 40 9.23 -23.04 24.30
C LYS B 40 8.42 -24.12 23.59
N PHE B 41 8.34 -24.02 22.27
CA PHE B 41 7.64 -25.00 21.46
C PHE B 41 8.33 -25.13 20.11
N SER B 42 8.01 -26.21 19.40
CA SER B 42 8.59 -26.50 18.10
C SER B 42 7.52 -27.05 17.17
N VAL B 43 7.50 -26.55 15.94
CA VAL B 43 6.53 -26.95 14.93
C VAL B 43 7.27 -27.45 13.71
N SER B 44 6.78 -28.54 13.13
CA SER B 44 7.27 -29.08 11.87
C SER B 44 6.16 -29.04 10.85
N GLY B 45 6.45 -28.49 9.67
CA GLY B 45 5.46 -28.38 8.62
C GLY B 45 5.97 -28.98 7.34
N GLU B 46 5.02 -29.37 6.48
CA GLU B 46 5.37 -29.91 5.18
C GLU B 46 4.16 -29.77 4.27
N GLY B 47 4.40 -29.89 2.97
CA GLY B 47 3.35 -29.81 1.97
C GLY B 47 3.93 -29.48 0.62
N GLU B 48 3.15 -28.75 -0.17
CA GLU B 48 3.59 -28.36 -1.51
C GLU B 48 2.91 -27.06 -1.90
N GLY B 49 3.56 -26.34 -2.81
CA GLY B 49 3.02 -25.11 -3.33
C GLY B 49 3.11 -25.09 -4.84
N ASP B 50 2.12 -24.45 -5.46
CA ASP B 50 2.03 -24.36 -6.92
C ASP B 50 1.81 -22.88 -7.25
N ALA B 51 2.91 -22.16 -7.51
CA ALA B 51 2.81 -20.72 -7.73
C ALA B 51 1.95 -20.41 -8.96
N THR B 52 1.89 -21.33 -9.92
CA THR B 52 1.03 -21.12 -11.07
C THR B 52 -0.41 -20.86 -10.65
N TYR B 53 -0.87 -21.49 -9.56
CA TYR B 53 -2.22 -21.30 -9.07
C TYR B 53 -2.25 -20.54 -7.76
N GLY B 54 -1.11 -20.06 -7.29
CA GLY B 54 -1.03 -19.43 -5.97
C GLY B 54 -1.53 -20.29 -4.84
N LYS B 55 -1.41 -21.61 -4.97
CA LYS B 55 -2.05 -22.56 -4.07
C LYS B 55 -1.02 -23.21 -3.15
N LEU B 56 -1.30 -23.19 -1.85
CA LEU B 56 -0.48 -23.85 -0.84
C LEU B 56 -1.31 -24.88 -0.09
N THR B 57 -0.77 -26.09 0.04
CA THR B 57 -1.36 -27.15 0.84
C THR B 57 -0.30 -27.62 1.82
N LEU B 58 -0.48 -27.29 3.10
CA LEU B 58 0.50 -27.57 4.14
C LEU B 58 -0.17 -28.25 5.33
N LYS B 59 0.61 -29.03 6.05
CA LYS B 59 0.20 -29.62 7.33
C LYS B 59 1.31 -29.37 8.34
N PHE B 60 0.91 -28.98 9.56
CA PHE B 60 1.84 -28.64 10.62
C PHE B 60 1.52 -29.47 11.86
N ILE B 61 2.56 -29.89 12.56
CA ILE B 61 2.39 -30.57 13.83
C ILE B 61 3.29 -29.90 14.87
N SER B 62 2.82 -29.88 16.11
CA SER B 62 3.68 -29.57 17.24
C SER B 62 4.40 -30.83 17.67
N THR B 63 5.73 -30.74 17.81
CA THR B 63 6.52 -31.85 18.30
C THR B 63 6.83 -31.73 19.79
N THR B 64 6.22 -30.76 20.48
CA THR B 64 6.53 -30.48 21.87
C THR B 64 5.26 -30.47 22.73
N GLY B 65 4.19 -31.10 22.27
CA GLY B 65 2.95 -31.11 23.03
C GLY B 65 2.04 -29.98 22.62
N LYS B 66 0.97 -29.81 23.39
CA LYS B 66 0.01 -28.74 23.13
C LYS B 66 0.75 -27.40 23.05
N LEU B 67 0.43 -26.64 22.01
CA LEU B 67 1.08 -25.34 21.84
C LEU B 67 0.62 -24.37 22.92
N PRO B 68 1.50 -23.44 23.34
CA PRO B 68 1.08 -22.40 24.29
C PRO B 68 0.33 -21.25 23.65
N VAL B 69 0.29 -21.17 22.32
CA VAL B 69 -0.45 -20.12 21.64
C VAL B 69 -1.38 -20.76 20.62
N PRO B 70 -2.38 -20.03 20.14
CA PRO B 70 -3.31 -20.62 19.15
C PRO B 70 -2.67 -20.77 17.78
N TRP B 71 -3.04 -21.83 17.09
CA TRP B 71 -2.55 -22.05 15.73
C TRP B 71 -2.82 -20.87 14.81
N PRO B 72 -4.01 -20.23 14.83
CA PRO B 72 -4.23 -19.09 13.93
C PRO B 72 -3.19 -17.99 14.06
N THR B 73 -2.63 -17.77 15.24
CA THR B 73 -1.64 -16.72 15.42
C THR B 73 -0.30 -17.05 14.78
N LEU B 74 -0.08 -18.31 14.40
CA LEU B 74 1.17 -18.70 13.77
C LEU B 74 1.07 -18.83 12.26
N VAL B 75 -0.14 -18.69 11.69
CA VAL B 75 -0.33 -18.97 10.27
C VAL B 75 0.59 -18.10 9.42
N THR B 76 0.55 -16.78 9.64
CA THR B 76 1.35 -15.89 8.80
C THR B 76 2.84 -16.17 8.97
N THR B 77 3.25 -16.61 10.16
CA THR B 77 4.66 -16.90 10.40
C THR B 77 5.08 -18.18 9.69
N LEU B 78 4.25 -19.22 9.78
CA LEU B 78 4.53 -20.49 9.13
C LEU B 78 4.39 -20.37 7.63
CD2 SWG B 79 -0.97 -15.29 5.24
CE3 SWG B 79 -1.07 -16.65 5.21
CZ3 SWG B 79 -2.37 -17.12 5.40
CH2 SWG B 79 -3.46 -16.26 5.62
CZ2 SWG B 79 -3.31 -14.87 5.66
CE2 SWG B 79 -2.01 -14.44 5.46
NE1 SWG B 79 -1.63 -13.16 5.44
CD1 SWG B 79 -0.31 -13.15 5.21
CG SWG B 79 0.12 -14.49 5.10
CB2 SWG B 79 1.59 -14.85 4.82
CA2 SWG B 79 2.28 -15.94 5.07
N2 SWG B 79 1.83 -17.19 5.25
C2 SWG B 79 3.67 -15.93 5.15
O2 SWG B 79 4.40 -14.98 5.05
N3 SWG B 79 4.05 -17.17 5.40
CA3 SWG B 79 5.41 -17.64 5.57
C3 SWG B 79 6.12 -17.68 4.22
O3 SWG B 79 7.31 -17.83 4.17
C1 SWG B 79 2.95 -17.89 5.44
CA1 SWG B 79 3.00 -19.42 5.71
N1 SWG B 79 3.22 -19.70 7.11
CB1 SWG B 79 1.70 -20.08 5.25
OG1 SWG B 79 1.56 -20.37 4.10
N VAL B 80 5.55 -18.39 3.12
CA VAL B 80 6.24 -18.75 1.88
C VAL B 80 5.59 -18.01 0.72
N GLN B 81 5.63 -16.67 0.79
CA GLN B 81 4.99 -15.81 -0.20
C GLN B 81 5.62 -15.91 -1.59
N CYS B 82 6.70 -16.67 -1.74
CA CYS B 82 7.24 -16.96 -3.06
C CYS B 82 6.30 -17.81 -3.90
N PHE B 83 5.26 -18.38 -3.30
CA PHE B 83 4.28 -19.17 -4.02
C PHE B 83 3.06 -18.36 -4.45
N ALA B 84 3.05 -17.05 -4.18
CA ALA B 84 1.99 -16.20 -4.68
C ALA B 84 1.95 -16.23 -6.20
N ARG B 85 0.74 -16.24 -6.75
CA ARG B 85 0.56 -16.12 -8.19
C ARG B 85 0.65 -14.65 -8.55
N TYR B 86 1.70 -14.29 -9.28
CA TYR B 86 1.85 -12.94 -9.82
C TYR B 86 1.35 -12.92 -11.25
N PRO B 87 0.26 -12.19 -11.55
CA PRO B 87 -0.21 -12.13 -12.94
C PRO B 87 0.91 -11.73 -13.90
N ASP B 88 0.76 -12.12 -15.17
CA ASP B 88 1.82 -11.88 -16.15
C ASP B 88 2.26 -10.43 -16.15
N HIS B 89 1.30 -9.49 -16.14
CA HIS B 89 1.62 -8.08 -16.21
C HIS B 89 2.29 -7.54 -14.95
N MET B 90 2.46 -8.37 -13.92
CA MET B 90 3.08 -7.96 -12.67
C MET B 90 4.36 -8.71 -12.37
N LYS B 91 4.82 -9.57 -13.30
CA LYS B 91 5.96 -10.44 -13.00
C LYS B 91 7.23 -9.65 -12.72
N ARG B 92 7.31 -8.41 -13.19
CA ARG B 92 8.47 -7.58 -12.88
C ARG B 92 8.55 -7.21 -11.40
N HIS B 93 7.49 -7.46 -10.63
CA HIS B 93 7.40 -7.02 -9.25
C HIS B 93 7.43 -8.18 -8.26
N ASP B 94 7.84 -9.36 -8.67
CA ASP B 94 7.83 -10.54 -7.80
C ASP B 94 9.22 -10.65 -7.17
N PHE B 95 9.40 -9.97 -6.04
CA PHE B 95 10.69 -10.01 -5.36
C PHE B 95 10.98 -11.39 -4.81
N PHE B 96 9.96 -12.06 -4.27
CA PHE B 96 10.18 -13.29 -3.53
C PHE B 96 10.82 -14.36 -4.40
N LYS B 97 10.27 -14.61 -5.58
CA LYS B 97 10.85 -15.60 -6.46
C LYS B 97 12.20 -15.15 -7.02
N SER B 98 12.39 -13.84 -7.22
CA SER B 98 13.63 -13.35 -7.80
C SER B 98 14.82 -13.63 -6.91
N ALA B 99 14.61 -13.71 -5.59
CA ALA B 99 15.67 -13.99 -4.64
C ALA B 99 16.06 -15.46 -4.59
N MET B 100 15.39 -16.31 -5.34
CA MET B 100 15.66 -17.73 -5.32
C MET B 100 16.73 -18.09 -6.34
N PRO B 101 17.48 -19.17 -6.13
CA PRO B 101 17.34 -20.18 -5.06
C PRO B 101 18.00 -19.79 -3.74
N GLU B 102 18.91 -18.81 -3.74
CA GLU B 102 19.61 -18.43 -2.52
C GLU B 102 18.63 -18.10 -1.40
N GLY B 103 17.50 -17.50 -1.73
CA GLY B 103 16.44 -17.26 -0.77
C GLY B 103 16.43 -15.85 -0.24
N TYR B 104 15.62 -15.67 0.80
CA TYR B 104 15.49 -14.37 1.43
C TYR B 104 15.23 -14.57 2.92
N VAL B 105 15.63 -13.56 3.71
CA VAL B 105 15.28 -13.49 5.11
C VAL B 105 13.95 -12.76 5.23
N GLN B 106 13.00 -13.33 5.98
CA GLN B 106 11.71 -12.68 6.26
C GLN B 106 11.64 -12.40 7.75
N GLU B 107 11.58 -11.12 8.11
CA GLU B 107 11.49 -10.69 9.49
C GLU B 107 10.17 -9.98 9.73
N ARG B 108 9.53 -10.29 10.85
CA ARG B 108 8.27 -9.65 11.21
C ARG B 108 8.25 -9.29 12.69
N THR B 109 7.51 -8.24 12.99
CA THR B 109 7.06 -7.94 14.34
C THR B 109 5.53 -7.87 14.30
N ILE B 110 4.88 -8.73 15.07
CA ILE B 110 3.43 -8.84 15.08
C ILE B 110 2.94 -8.31 16.42
N PHE B 111 2.32 -7.14 16.40
CA PHE B 111 1.78 -6.52 17.60
C PHE B 111 0.34 -6.97 17.79
N PHE B 112 0.08 -7.72 18.86
CA PHE B 112 -1.28 -8.09 19.24
C PHE B 112 -1.83 -6.97 20.11
N LYS B 113 -2.83 -6.26 19.59
CA LYS B 113 -3.40 -5.10 20.29
C LYS B 113 -3.77 -5.49 21.71
N ASP B 114 -3.37 -4.64 22.66
CA ASP B 114 -3.66 -4.85 24.08
C ASP B 114 -3.04 -6.14 24.58
N ASP B 115 -1.97 -6.60 23.95
CA ASP B 115 -1.29 -7.82 24.37
C ASP B 115 0.17 -7.75 23.92
N GLY B 116 0.84 -8.89 23.88
CA GLY B 116 2.24 -8.95 23.54
C GLY B 116 2.47 -8.90 22.03
N ASN B 117 3.72 -9.16 21.65
CA ASN B 117 4.09 -9.14 20.25
C ASN B 117 5.01 -10.31 19.94
N TYR B 118 4.91 -10.81 18.71
CA TYR B 118 5.84 -11.80 18.20
C TYR B 118 6.97 -11.10 17.46
N LYS B 119 8.18 -11.61 17.61
CA LYS B 119 9.32 -11.24 16.77
C LYS B 119 9.77 -12.49 16.04
N THR B 120 9.76 -12.45 14.71
CA THR B 120 10.04 -13.63 13.91
C THR B 120 11.15 -13.33 12.90
N ARG B 121 12.03 -14.31 12.72
CA ARG B 121 13.07 -14.25 11.71
C ARG B 121 13.11 -15.61 11.01
N ALA B 122 13.03 -15.59 9.68
CA ALA B 122 12.96 -16.84 8.92
C ALA B 122 13.85 -16.74 7.69
N GLU B 123 14.39 -17.88 7.28
CA GLU B 123 15.11 -18.02 6.03
C GLU B 123 14.27 -18.88 5.08
N VAL B 124 13.93 -18.33 3.93
CA VAL B 124 13.16 -19.01 2.89
C VAL B 124 14.09 -19.24 1.72
N LYS B 125 14.43 -20.50 1.47
CA LYS B 125 15.41 -20.83 0.46
C LYS B 125 15.21 -22.26 -0.02
N PHE B 126 15.82 -22.57 -1.17
CA PHE B 126 15.80 -23.92 -1.71
C PHE B 126 16.95 -24.72 -1.12
N GLU B 127 16.62 -25.89 -0.57
CA GLU B 127 17.61 -26.91 -0.19
C GLU B 127 17.35 -28.10 -1.10
N GLY B 128 18.17 -28.25 -2.13
CA GLY B 128 17.86 -29.23 -3.16
C GLY B 128 16.64 -28.75 -3.93
N ASP B 129 15.69 -29.66 -4.16
CA ASP B 129 14.47 -29.33 -4.86
CA ASP B 129 14.47 -29.33 -4.86
C ASP B 129 13.35 -28.88 -3.94
N THR B 130 13.63 -28.73 -2.64
CA THR B 130 12.61 -28.42 -1.65
C THR B 130 12.76 -26.97 -1.19
N LEU B 131 11.66 -26.23 -1.22
CA LEU B 131 11.59 -24.88 -0.66
C LEU B 131 11.41 -25.00 0.85
N VAL B 132 12.30 -24.39 1.62
CA VAL B 132 12.35 -24.58 3.06
C VAL B 132 12.09 -23.23 3.75
N ASN B 133 11.39 -23.28 4.88
CA ASN B 133 11.09 -22.11 5.70
C ASN B 133 11.48 -22.40 7.14
N ARG B 134 12.66 -21.93 7.56
CA ARG B 134 13.18 -22.14 8.91
C ARG B 134 12.96 -20.87 9.71
N ILE B 135 12.23 -20.99 10.81
CA ILE B 135 11.69 -19.84 11.51
C ILE B 135 12.15 -19.86 12.96
N GLU B 136 12.47 -18.68 13.48
CA GLU B 136 12.66 -18.44 14.90
C GLU B 136 11.66 -17.39 15.35
N LEU B 137 10.89 -17.71 16.39
CA LEU B 137 9.84 -16.84 16.88
C LEU B 137 10.01 -16.58 18.36
N LYS B 138 9.89 -15.30 18.75
CA LYS B 138 9.93 -14.90 20.14
C LYS B 138 8.73 -14.01 20.44
N GLY B 139 7.93 -14.40 21.42
CA GLY B 139 6.82 -13.59 21.92
C GLY B 139 7.10 -13.17 23.35
N ILE B 140 6.82 -11.89 23.64
CA ILE B 140 7.05 -11.33 24.96
C ILE B 140 5.88 -10.43 25.34
N ASP B 141 5.77 -10.14 26.64
CA ASP B 141 4.81 -9.19 27.17
C ASP B 141 3.36 -9.62 26.91
N PHE B 142 3.12 -10.92 26.85
CA PHE B 142 1.78 -11.44 26.65
C PHE B 142 1.09 -11.65 27.99
N LYS B 143 -0.23 -11.51 27.98
CA LYS B 143 -1.03 -11.66 29.20
C LYS B 143 -1.31 -13.15 29.38
N GLU B 144 -0.86 -13.71 30.49
CA GLU B 144 -1.02 -15.15 30.71
C GLU B 144 -2.46 -15.60 30.52
N ASP B 145 -3.43 -14.75 30.87
CA ASP B 145 -4.84 -15.04 30.72
C ASP B 145 -5.48 -14.29 29.55
N GLY B 146 -4.67 -13.93 28.54
CA GLY B 146 -5.16 -13.17 27.40
C GLY B 146 -5.65 -14.04 26.26
N ASN B 147 -5.95 -13.39 25.15
CA ASN B 147 -6.54 -14.11 24.02
C ASN B 147 -5.55 -15.04 23.33
N ILE B 148 -4.25 -14.81 23.50
CA ILE B 148 -3.24 -15.65 22.86
C ILE B 148 -2.91 -16.81 23.79
N LEU B 149 -2.26 -16.51 24.92
CA LEU B 149 -1.91 -17.57 25.86
C LEU B 149 -3.13 -18.28 26.42
N GLY B 150 -4.28 -17.60 26.46
CA GLY B 150 -5.50 -18.20 26.95
C GLY B 150 -6.28 -19.01 25.96
N HIS B 151 -5.83 -19.12 24.71
CA HIS B 151 -6.51 -19.92 23.69
C HIS B 151 -7.97 -19.51 23.54
N LYS B 152 -8.19 -18.21 23.34
CA LYS B 152 -9.52 -17.65 23.21
C LYS B 152 -9.89 -17.35 21.76
N LEU B 153 -9.09 -17.81 20.81
CA LEU B 153 -9.28 -17.50 19.39
C LEU B 153 -9.91 -18.67 18.66
N GLU B 154 -10.93 -18.37 17.84
CA GLU B 154 -11.56 -19.41 17.05
C GLU B 154 -10.57 -20.01 16.07
N TYR B 155 -10.74 -21.31 15.78
CA TYR B 155 -9.77 -22.01 14.95
C TYR B 155 -9.87 -21.58 13.49
N ASN B 156 -11.07 -21.54 12.94
N ASN B 156 -11.10 -21.52 12.98
CA ASN B 156 -11.26 -21.14 11.55
CA ASN B 156 -11.37 -21.20 11.57
C ASN B 156 -12.15 -19.90 11.47
C ASN B 156 -12.07 -19.85 11.41
N GLY B 157 -11.97 -18.97 12.41
CA GLY B 157 -12.66 -17.70 12.38
C GLY B 157 -11.70 -16.53 12.47
N TRP B 158 -11.18 -16.10 11.32
CA TRP B 158 -10.24 -14.98 11.29
C TRP B 158 -9.98 -14.57 9.84
N CYS B 159 -10.14 -13.29 9.56
CA CYS B 159 -9.98 -12.75 8.22
C CYS B 159 -8.62 -12.08 8.07
N GLY B 160 -7.99 -12.28 6.92
CA GLY B 160 -6.68 -11.69 6.65
C GLY B 160 -6.74 -10.59 5.62
N ASP B 161 -6.26 -9.41 6.00
CA ASP B 161 -6.22 -8.29 5.07
C ASP B 161 -5.16 -8.51 3.99
N ASN B 162 -5.33 -7.79 2.88
CA ASN B 162 -4.34 -7.83 1.81
C ASN B 162 -2.96 -7.45 2.35
N VAL B 163 -1.94 -8.15 1.88
CA VAL B 163 -0.56 -7.89 2.29
C VAL B 163 -0.01 -6.80 1.37
N TYR B 164 0.08 -5.57 1.88
CA TYR B 164 0.53 -4.44 1.08
C TYR B 164 2.05 -4.37 1.08
N ILE B 165 2.64 -4.46 -0.10
CA ILE B 165 4.09 -4.57 -0.28
C ILE B 165 4.63 -3.27 -0.83
N THR B 166 5.81 -2.88 -0.36
CA THR B 166 6.50 -1.69 -0.82
C THR B 166 8.00 -1.99 -0.90
N ALA B 167 8.68 -1.32 -1.83
CA ALA B 167 10.10 -1.53 -2.02
C ALA B 167 10.90 -0.82 -0.93
N ASP B 168 12.04 -1.43 -0.58
CA ASP B 168 12.99 -0.87 0.39
C ASP B 168 14.37 -0.86 -0.27
N LYS B 169 14.59 0.11 -1.16
CA LYS B 169 15.83 0.11 -1.94
C LYS B 169 17.06 0.21 -1.05
N GLN B 170 16.95 0.89 0.09
CA GLN B 170 18.09 1.00 1.00
C GLN B 170 18.57 -0.37 1.45
N LYS B 171 17.64 -1.28 1.74
CA LYS B 171 17.99 -2.60 2.22
C LYS B 171 17.93 -3.65 1.12
N ASN B 172 17.84 -3.22 -0.13
CA ASN B 172 17.79 -4.13 -1.29
C ASN B 172 16.70 -5.19 -1.09
N GLY B 173 15.59 -4.79 -0.52
CA GLY B 173 14.49 -5.70 -0.22
C GLY B 173 13.16 -5.00 -0.33
N ILE B 174 12.20 -5.49 0.45
CA ILE B 174 10.84 -4.97 0.47
C ILE B 174 10.35 -4.91 1.91
N LYS B 175 9.23 -4.25 2.11
CA LYS B 175 8.52 -4.22 3.38
C LYS B 175 7.06 -4.49 3.12
N ALA B 176 6.38 -5.06 4.11
CA ALA B 176 4.96 -5.35 4.00
C ALA B 176 4.29 -4.98 5.31
N ASN B 177 3.03 -4.60 5.21
CA ASN B 177 2.22 -4.24 6.37
C ASN B 177 0.80 -4.74 6.13
N PHE B 178 0.19 -5.30 7.16
CA PHE B 178 -1.16 -5.83 7.05
C PHE B 178 -1.64 -6.24 8.43
N LYS B 179 -2.94 -6.22 8.61
CA LYS B 179 -3.58 -6.59 9.86
C LYS B 179 -4.31 -7.92 9.71
N ILE B 180 -4.19 -8.77 10.72
CA ILE B 180 -5.00 -9.98 10.85
C ILE B 180 -6.00 -9.75 11.97
N ARG B 181 -7.24 -10.15 11.74
CA ARG B 181 -8.32 -9.97 12.70
C ARG B 181 -8.83 -11.34 13.13
N HIS B 182 -8.49 -11.74 14.34
CA HIS B 182 -8.86 -13.05 14.86
C HIS B 182 -10.16 -12.91 15.64
N ASN B 183 -11.15 -13.73 15.29
CA ASN B 183 -12.40 -13.78 16.05
C ASN B 183 -12.14 -14.38 17.42
N ILE B 184 -12.62 -13.72 18.46
CA ILE B 184 -12.52 -14.21 19.82
C ILE B 184 -13.70 -15.13 20.10
N GLU B 185 -13.43 -16.24 20.79
CA GLU B 185 -14.51 -17.15 21.16
C GLU B 185 -15.58 -16.44 21.96
N ASP B 186 -15.18 -15.60 22.92
CA ASP B 186 -16.16 -14.89 23.72
C ASP B 186 -16.90 -13.82 22.92
N GLY B 187 -16.50 -13.58 21.69
CA GLY B 187 -17.05 -12.53 20.87
C GLY B 187 -16.05 -11.41 20.69
N GLY B 188 -16.06 -10.81 19.50
CA GLY B 188 -15.15 -9.73 19.21
C GLY B 188 -14.02 -10.16 18.28
N VAL B 189 -12.96 -9.35 18.27
CA VAL B 189 -11.83 -9.59 17.37
C VAL B 189 -10.53 -9.18 18.07
N GLN B 190 -9.49 -9.98 17.85
CA GLN B 190 -8.14 -9.70 18.33
C GLN B 190 -7.30 -9.25 17.15
N LEU B 191 -6.82 -8.01 17.20
CA LEU B 191 -6.05 -7.45 16.10
C LEU B 191 -4.58 -7.87 16.21
N ALA B 192 -3.99 -8.16 15.06
CA ALA B 192 -2.57 -8.52 14.98
C ALA B 192 -1.95 -7.69 13.85
N ASP B 193 -1.24 -6.63 14.22
CA ASP B 193 -0.64 -5.71 13.26
C ASP B 193 0.71 -6.27 12.83
N HIS B 194 0.82 -6.65 11.56
CA HIS B 194 2.04 -7.22 11.02
C HIS B 194 2.90 -6.14 10.37
N TYR B 195 4.17 -6.10 10.74
CA TYR B 195 5.18 -5.28 10.08
C TYR B 195 6.29 -6.22 9.60
N GLN B 196 6.60 -6.17 8.31
CA GLN B 196 7.39 -7.19 7.65
C GLN B 196 8.52 -6.56 6.84
N GLN B 197 9.63 -7.29 6.76
CA GLN B 197 10.79 -6.89 5.99
C GLN B 197 11.44 -8.13 5.39
N ASN B 198 11.79 -8.06 4.12
CA ASN B 198 12.43 -9.17 3.42
C ASN B 198 13.72 -8.70 2.77
N THR B 199 14.80 -9.43 3.00
CA THR B 199 16.10 -9.10 2.45
C THR B 199 16.72 -10.35 1.82
N PRO B 200 17.35 -10.22 0.65
CA PRO B 200 17.90 -11.42 0.00
C PRO B 200 19.07 -12.00 0.77
N ILE B 201 19.17 -13.33 0.71
CA ILE B 201 20.30 -14.03 1.33
C ILE B 201 21.50 -14.04 0.40
N GLY B 202 21.27 -14.18 -0.91
CA GLY B 202 22.34 -14.27 -1.88
C GLY B 202 22.78 -12.92 -2.40
N ASP B 203 23.73 -12.97 -3.35
CA ASP B 203 24.30 -11.77 -3.95
C ASP B 203 23.65 -11.41 -5.27
N GLY B 204 22.87 -12.31 -5.87
CA GLY B 204 22.25 -12.05 -7.15
C GLY B 204 21.31 -10.86 -7.12
N PRO B 205 20.97 -10.34 -8.30
CA PRO B 205 20.01 -9.23 -8.37
C PRO B 205 18.60 -9.69 -8.11
N VAL B 206 17.82 -8.82 -7.47
CA VAL B 206 16.42 -9.10 -7.17
C VAL B 206 15.57 -8.02 -7.82
N LEU B 207 14.26 -8.28 -7.87
CA LEU B 207 13.29 -7.34 -8.39
C LEU B 207 12.72 -6.52 -7.25
N LEU B 208 12.95 -5.20 -7.28
CA LEU B 208 12.38 -4.30 -6.30
C LEU B 208 11.05 -3.78 -6.82
N PRO B 209 9.92 -4.14 -6.22
CA PRO B 209 8.62 -3.88 -6.84
C PRO B 209 8.09 -2.48 -6.57
N ASP B 210 7.22 -2.04 -7.48
CA ASP B 210 6.34 -0.92 -7.19
C ASP B 210 5.28 -1.36 -6.19
N ASN B 211 4.59 -0.39 -5.60
CA ASN B 211 3.57 -0.69 -4.61
C ASN B 211 2.53 -1.66 -5.18
N HIS B 212 2.25 -2.71 -4.42
CA HIS B 212 1.20 -3.67 -4.79
C HIS B 212 0.82 -4.41 -3.51
N TYR B 213 -0.04 -5.43 -3.65
CA TYR B 213 -0.46 -6.19 -2.48
C TYR B 213 -0.73 -7.64 -2.89
N LEU B 214 -0.69 -8.52 -1.91
CA LEU B 214 -1.06 -9.92 -2.09
C LEU B 214 -2.43 -10.15 -1.45
N SER B 215 -3.37 -10.68 -2.23
CA SER B 215 -4.68 -11.06 -1.70
C SER B 215 -4.59 -12.50 -1.22
N THR B 216 -4.90 -12.73 0.04
CA THR B 216 -4.74 -14.04 0.66
C THR B 216 -6.06 -14.51 1.25
N CYS B 217 -6.29 -15.82 1.14
CA CYS B 217 -7.42 -16.47 1.81
C CYS B 217 -6.96 -17.86 2.21
N SER B 218 -7.21 -18.22 3.46
CA SER B 218 -6.73 -19.47 4.04
C SER B 218 -7.90 -20.25 4.61
N LYS B 219 -7.70 -21.55 4.76
CA LYS B 219 -8.69 -22.43 5.37
C LYS B 219 -7.95 -23.42 6.25
N LEU B 220 -8.23 -23.38 7.55
CA LEU B 220 -7.63 -24.28 8.52
CA LEU B 220 -7.63 -24.28 8.52
C LEU B 220 -8.59 -25.43 8.82
N SER B 221 -8.02 -26.62 9.00
CA SER B 221 -8.81 -27.80 9.31
C SER B 221 -7.94 -28.77 10.11
N LYS B 222 -8.53 -29.92 10.46
CA LYS B 222 -7.86 -30.92 11.26
C LYS B 222 -7.83 -32.26 10.52
N ASP B 223 -6.71 -32.95 10.60
CA ASP B 223 -6.55 -34.32 10.11
C ASP B 223 -7.07 -35.26 11.19
N PRO B 224 -8.16 -35.99 10.93
CA PRO B 224 -8.73 -36.83 12.00
C PRO B 224 -7.82 -37.96 12.45
N ASN B 225 -6.83 -38.33 11.65
CA ASN B 225 -5.89 -39.36 12.07
C ASN B 225 -4.71 -38.81 12.85
N GLU B 226 -4.47 -37.50 12.80
CA GLU B 226 -3.32 -36.91 13.46
C GLU B 226 -3.59 -36.77 14.95
N LYS B 227 -2.76 -37.41 15.77
CA LYS B 227 -2.94 -37.41 17.21
C LYS B 227 -2.21 -36.27 17.90
N ARG B 228 -1.23 -35.66 17.23
CA ARG B 228 -0.49 -34.56 17.80
C ARG B 228 -1.23 -33.26 17.52
N ASP B 229 -1.06 -32.29 18.43
CA ASP B 229 -1.54 -30.93 18.16
C ASP B 229 -1.04 -30.49 16.79
N HIS B 230 -1.97 -30.10 15.92
CA HIS B 230 -1.64 -29.91 14.51
C HIS B 230 -2.59 -28.92 13.86
N MET B 231 -2.28 -28.59 12.61
CA MET B 231 -3.09 -27.67 11.81
C MET B 231 -2.95 -28.04 10.35
N VAL B 232 -4.07 -28.35 9.70
CA VAL B 232 -4.10 -28.53 8.25
C VAL B 232 -4.41 -27.19 7.61
N PHE B 233 -3.69 -26.86 6.54
CA PHE B 233 -3.64 -25.51 6.00
C PHE B 233 -3.84 -25.53 4.49
N LEU B 234 -4.81 -24.75 4.01
CA LEU B 234 -5.04 -24.53 2.59
C LEU B 234 -5.11 -23.03 2.36
N GLU B 235 -4.35 -22.54 1.38
CA GLU B 235 -4.24 -21.12 1.12
C GLU B 235 -4.15 -20.85 -0.37
N PHE B 236 -4.80 -19.76 -0.79
CA PHE B 236 -4.63 -19.20 -2.12
C PHE B 236 -4.15 -17.76 -1.95
N VAL B 237 -3.08 -17.41 -2.65
CA VAL B 237 -2.47 -16.10 -2.56
C VAL B 237 -2.21 -15.59 -3.96
N THR B 238 -2.70 -14.38 -4.25
CA THR B 238 -2.59 -13.77 -5.57
C THR B 238 -2.16 -12.32 -5.43
N ALA B 239 -1.24 -11.90 -6.29
CA ALA B 239 -0.80 -10.51 -6.30
C ALA B 239 -1.76 -9.66 -7.12
N ALA B 240 -1.89 -8.41 -6.72
CA ALA B 240 -2.77 -7.46 -7.41
C ALA B 240 -2.39 -6.05 -7.01
N GLY B 241 -3.09 -5.08 -7.60
CA GLY B 241 -2.89 -3.69 -7.27
C GLY B 241 -2.08 -2.87 -8.27
N ILE B 242 -1.77 -3.42 -9.43
CA ILE B 242 -1.04 -2.68 -10.46
C ILE B 242 -1.80 -2.77 -11.78
C1 EDO C . 17.41 29.55 -9.29
O1 EDO C . 17.13 28.20 -8.87
C2 EDO C . 17.10 30.54 -8.16
O2 EDO C . 15.84 30.21 -7.54
H11 EDO C . 16.81 29.80 -10.17
H12 EDO C . 18.46 29.64 -9.57
HO1 EDO C . 17.29 27.60 -9.61
H21 EDO C . 17.06 31.56 -8.55
H22 EDO C . 17.89 30.51 -7.40
HO2 EDO C . 15.65 30.83 -6.83
C ACT D . -7.77 14.29 -6.54
O ACT D . -7.54 14.73 -5.42
OXT ACT D . -7.96 14.94 -7.62
CH3 ACT D . -7.75 12.78 -6.71
H1 ACT D . -8.58 12.49 -7.14
H2 ACT D . -7.68 12.36 -5.84
H3 ACT D . -6.99 12.52 -7.26
C ACT E . -22.78 12.69 -13.36
O ACT E . -22.28 13.81 -13.09
OXT ACT E . -22.27 11.72 -14.00
CH3 ACT E . -24.20 12.41 -12.83
H1 ACT E . -24.83 12.42 -13.57
H2 ACT E . -24.43 13.10 -12.19
H3 ACT E . -24.22 11.54 -12.40
C1 EDO F . -0.67 33.43 -20.82
O1 EDO F . -0.41 34.79 -21.23
C2 EDO F . -1.68 33.43 -19.67
O2 EDO F . -1.23 34.22 -18.54
H11 EDO F . 0.25 32.96 -20.50
H12 EDO F . -1.07 32.86 -21.66
HO1 EDO F . 0.21 34.78 -21.98
H21 EDO F . -1.84 32.40 -19.35
H22 EDO F . -2.63 33.84 -20.03
HO2 EDO F . -1.91 34.25 -17.86
C FMT G . -1.29 11.38 18.95
O1 FMT G . -1.54 10.72 19.96
O2 FMT G . -2.08 12.22 18.52
H FMT G . -0.35 11.24 18.42
HO2 FMT G . -2.92 12.39 18.99
C1 GOL H . 5.79 -32.58 9.91
O1 GOL H . 6.10 -31.74 8.82
C2 GOL H . 4.48 -33.30 9.59
O2 GOL H . 4.07 -34.13 10.63
C3 GOL H . 3.46 -32.19 9.31
O3 GOL H . 2.19 -32.83 9.23
H11 GOL H . 5.68 -32.08 10.74
H12 GOL H . 6.48 -33.24 10.08
HO1 GOL H . 5.80 -30.97 9.02
H2 GOL H . 4.59 -33.86 8.81
HO2 GOL H . 4.71 -34.16 11.20
H31 GOL H . 3.72 -31.73 8.49
H32 GOL H . 3.53 -31.53 10.00
HO3 GOL H . 2.34 -33.67 9.23
C ACT I . 4.36 -38.03 14.02
O ACT I . 4.59 -38.50 15.16
OXT ACT I . 4.03 -36.85 13.69
CH3 ACT I . 4.52 -38.98 12.81
H1 ACT I . 3.83 -39.66 12.83
H2 ACT I . 5.40 -39.41 12.85
H3 ACT I . 4.45 -38.47 11.99
C FMT J . 1.97 -17.61 1.98
O1 FMT J . 3.16 -17.65 2.30
O2 FMT J . 1.39 -16.55 1.77
H FMT J . 1.38 -18.53 1.96
HO2 FMT J . 1.83 -15.69 1.95
C ACT K . 10.51 -6.47 11.76
O ACT K . 9.82 -5.46 11.43
OXT ACT K . 10.38 -7.67 11.41
CH3 ACT K . 11.69 -6.19 12.69
H1 ACT K . 12.25 -6.98 12.75
H2 ACT K . 11.35 -5.95 13.57
H3 ACT K . 12.21 -5.45 12.34
C FMT L . -0.79 -27.98 -4.86
O1 FMT L . -1.48 -27.83 -5.88
O2 FMT L . -0.62 -27.07 -4.03
H FMT L . -0.32 -28.95 -4.65
HO2 FMT L . -1.09 -26.21 -4.14
C1 PGE M . 14.28 -15.31 18.71
O1 PGE M . 14.47 -16.73 18.70
C2 PGE M . 13.45 -14.91 17.50
O2 PGE M . 13.41 -13.50 17.40
C3 PGE M . 14.01 -12.97 16.23
C4 PGE M . 15.51 -12.78 16.46
O4 PGE M . 17.00 -17.08 16.14
C6 PGE M . 16.81 -15.92 15.33
C5 PGE M . 16.93 -14.68 16.20
O3 PGE M . 16.21 -13.63 15.58
H1 PGE M . 15.24 -14.77 18.66
H12 PGE M . 13.75 -14.98 19.62
HO1 PGE M . 14.93 -16.95 17.88
H2 PGE M . 12.43 -15.32 17.61
H22 PGE M . 13.90 -15.36 16.60
H3 PGE M . 13.56 -12.00 15.96
H32 PGE M . 13.88 -13.65 15.38
H4 PGE M . 15.75 -13.02 17.51
H42 PGE M . 15.77 -11.72 16.28
HO4 PGE M . 16.66 -16.89 17.03
H6 PGE M . 15.82 -15.93 14.86
H62 PGE M . 17.57 -15.87 14.53
H5 PGE M . 18.00 -14.41 16.31
H52 PGE M . 16.54 -14.89 17.21
#